data_6VQN
#
_entry.id   6VQN
#
_cell.length_a   99.003
_cell.length_b   172.173
_cell.length_c   80.585
_cell.angle_alpha   90.000
_cell.angle_beta   90.000
_cell.angle_gamma   90.000
#
_symmetry.space_group_name_H-M   'C 2 2 21'
#
loop_
_entity.id
_entity.type
_entity.pdbx_description
1 polymer 'Programmed cell death 1 ligand 1'
2 non-polymer "N,N'-(2,2'-dimethyl[1,1'-biphenyl]-3,3'-diyl)bis(5-{[(2-hydroxyethyl)amino]methyl}pyridine-2-carboxamide)"
3 water water
#
_entity_poly.entity_id   1
_entity_poly.type   'polypeptide(L)'
_entity_poly.pdbx_seq_one_letter_code
;MAFTVTVPKDLYVVEYGSNMTIECKFPVEKQLDLAALIVYWEMEDKNIIQFVHGEEDLKVQHSSYRQRARLLKDQLSLGN
AALQITDVKLQDAGVYRCMISYGGADYKRITVKVNAPYAAALEHHHHHH
;
_entity_poly.pdbx_strand_id   A,B,C
#
loop_
_chem_comp.id
_chem_comp.type
_chem_comp.name
_chem_comp.formula
R81 non-polymer N,N'-(2,2'-dimethyl[1,1'-biphenyl]-3,3'-diyl)bis(5-{[(2-hydroxyethyl)amino]methyl}pyridine-2-carboxamide) 'C32 H36 N6 O4'
#
# COMPACT_ATOMS: atom_id res chain seq x y z
N ALA A 2 14.21 -8.03 -7.09
CA ALA A 2 15.50 -8.65 -7.46
C ALA A 2 16.43 -7.58 -8.05
N PHE A 3 15.89 -6.64 -8.83
CA PHE A 3 16.65 -5.46 -9.32
C PHE A 3 16.83 -4.51 -8.14
N THR A 4 18.05 -4.38 -7.65
CA THR A 4 18.32 -3.64 -6.40
C THR A 4 19.29 -2.48 -6.64
N VAL A 5 18.89 -1.29 -6.19
CA VAL A 5 19.79 -0.12 -6.11
C VAL A 5 20.32 -0.07 -4.69
N THR A 6 21.63 0.09 -4.51
CA THR A 6 22.23 0.26 -3.17
C THR A 6 22.95 1.61 -3.12
N VAL A 7 23.18 2.09 -1.92
CA VAL A 7 23.98 3.31 -1.66
C VAL A 7 25.02 2.92 -0.63
N PRO A 8 26.29 3.26 -0.88
CA PRO A 8 27.36 3.08 0.09
C PRO A 8 27.08 3.81 1.41
N LYS A 9 26.54 5.03 1.29
CA LYS A 9 26.06 5.81 2.45
C LYS A 9 24.79 6.55 2.04
N ASP A 10 23.94 6.79 3.03
CA ASP A 10 22.65 7.47 2.86
C ASP A 10 22.70 8.81 3.58
N LEU A 11 23.88 9.19 4.09
CA LEU A 11 24.09 10.47 4.80
C LEU A 11 25.42 11.05 4.34
N TYR A 12 25.36 12.24 3.78
CA TYR A 12 26.54 12.97 3.34
C TYR A 12 26.55 14.30 4.07
N VAL A 13 27.63 14.57 4.78
CA VAL A 13 27.86 15.86 5.48
C VAL A 13 28.92 16.62 4.70
N VAL A 14 28.55 17.77 4.16
CA VAL A 14 29.43 18.46 3.19
C VAL A 14 29.63 19.91 3.63
N GLU A 15 30.77 20.47 3.24
CA GLU A 15 31.09 21.88 3.55
C GLU A 15 30.43 22.77 2.49
N TYR A 16 29.92 23.91 2.95
CA TYR A 16 29.40 24.98 2.10
C TYR A 16 30.42 25.38 1.04
N GLY A 17 29.96 25.44 -0.22
CA GLY A 17 30.76 25.92 -1.36
C GLY A 17 31.69 24.89 -1.98
N SER A 18 31.83 23.70 -1.39
CA SER A 18 32.65 22.59 -1.93
C SER A 18 31.89 21.88 -3.05
N ASN A 19 32.49 20.81 -3.58
CA ASN A 19 31.84 19.88 -4.53
C ASN A 19 31.45 18.61 -3.79
N MET A 20 30.30 18.01 -4.13
CA MET A 20 29.96 16.66 -3.61
C MET A 20 29.52 15.73 -4.74
N THR A 21 29.76 14.44 -4.55
CA THR A 21 29.31 13.38 -5.47
C THR A 21 28.48 12.41 -4.64
N ILE A 22 27.24 12.17 -5.01
CA ILE A 22 26.43 11.15 -4.30
C ILE A 22 26.13 10.01 -5.29
N GLU A 23 26.20 8.77 -4.81
CA GLU A 23 26.24 7.58 -5.68
C GLU A 23 25.10 6.62 -5.35
N CYS A 24 24.59 6.01 -6.40
CA CYS A 24 23.55 4.96 -6.39
C CYS A 24 24.06 3.86 -7.29
N LYS A 25 24.22 2.65 -6.74
CA LYS A 25 24.74 1.50 -7.52
C LYS A 25 23.55 0.71 -8.00
N PHE A 26 23.67 0.17 -9.20
CA PHE A 26 22.69 -0.76 -9.78
C PHE A 26 23.49 -1.82 -10.52
N PRO A 27 22.97 -3.03 -10.68
CA PRO A 27 23.69 -4.09 -11.37
C PRO A 27 23.68 -3.90 -12.89
N VAL A 28 24.85 -4.02 -13.49
CA VAL A 28 25.04 -3.95 -14.96
C VAL A 28 25.99 -5.07 -15.36
N GLU A 29 25.60 -5.90 -16.33
CA GLU A 29 26.50 -6.94 -16.91
C GLU A 29 26.63 -6.74 -18.42
N LYS A 30 27.86 -6.73 -18.91
CA LYS A 30 28.13 -6.63 -20.35
C LYS A 30 27.60 -5.28 -20.86
N GLN A 31 26.99 -5.25 -22.03
CA GLN A 31 26.71 -3.98 -22.77
C GLN A 31 25.62 -3.26 -21.98
N LEU A 32 25.94 -2.09 -21.44
CA LEU A 32 24.95 -1.15 -20.89
C LEU A 32 24.00 -0.82 -22.03
N ASP A 33 22.71 -1.14 -21.91
CA ASP A 33 21.71 -0.89 -22.98
C ASP A 33 21.09 0.47 -22.67
N LEU A 34 21.72 1.54 -23.14
CA LEU A 34 21.24 2.95 -22.98
C LEU A 34 19.75 3.10 -23.34
N ALA A 35 19.24 2.38 -24.35
CA ALA A 35 17.85 2.50 -24.84
C ALA A 35 16.82 1.95 -23.83
N ALA A 36 17.30 1.25 -22.80
CA ALA A 36 16.48 0.64 -21.72
C ALA A 36 16.71 1.31 -20.35
N LEU A 37 17.61 2.31 -20.27
CA LEU A 37 18.04 2.91 -18.97
C LEU A 37 17.42 4.29 -18.73
N ILE A 38 16.86 4.47 -17.55
CA ILE A 38 16.38 5.76 -17.05
C ILE A 38 17.07 6.05 -15.73
N VAL A 39 17.61 7.26 -15.58
CA VAL A 39 18.21 7.71 -14.30
C VAL A 39 17.62 9.05 -13.97
N TYR A 40 17.00 9.14 -12.81
CA TYR A 40 16.36 10.36 -12.32
C TYR A 40 16.91 10.65 -10.94
N TRP A 41 17.36 11.89 -10.71
CA TRP A 41 17.72 12.41 -9.39
C TRP A 41 16.80 13.57 -9.09
N GLU A 42 16.35 13.65 -7.86
CA GLU A 42 15.48 14.76 -7.48
C GLU A 42 15.79 15.06 -6.03
N MET A 43 15.36 16.24 -5.62
CA MET A 43 15.50 16.70 -4.25
C MET A 43 14.19 17.40 -3.98
N GLU A 44 13.27 16.79 -3.22
CA GLU A 44 11.96 17.42 -2.90
C GLU A 44 11.31 17.97 -4.18
N ASP A 45 11.02 17.08 -5.13
CA ASP A 45 10.28 17.45 -6.38
C ASP A 45 11.08 18.34 -7.33
N LYS A 46 12.33 18.68 -7.05
CA LYS A 46 13.15 19.45 -8.02
C LYS A 46 13.91 18.51 -8.93
N ASN A 47 13.74 18.67 -10.22
CA ASN A 47 14.37 17.80 -11.24
C ASN A 47 15.84 18.19 -11.30
N ILE A 48 16.74 17.32 -10.92
CA ILE A 48 18.17 17.64 -11.01
C ILE A 48 18.72 17.02 -12.28
N ILE A 49 18.42 15.74 -12.45
CA ILE A 49 18.96 14.91 -13.54
C ILE A 49 17.80 14.08 -14.04
N GLN A 50 17.55 14.11 -15.34
CA GLN A 50 16.56 13.23 -15.96
C GLN A 50 17.17 12.64 -17.22
N PHE A 51 17.92 11.56 -17.03
CA PHE A 51 18.67 10.85 -18.07
C PHE A 51 17.75 9.75 -18.62
N VAL A 52 17.21 9.92 -19.81
CA VAL A 52 16.18 8.99 -20.37
C VAL A 52 16.70 8.40 -21.67
N HIS A 53 17.06 7.12 -21.64
CA HIS A 53 17.48 6.32 -22.82
C HIS A 53 18.65 7.01 -23.51
N GLY A 54 19.63 7.48 -22.74
CA GLY A 54 20.85 8.09 -23.29
C GLY A 54 20.74 9.59 -23.53
N GLU A 55 19.54 10.18 -23.47
CA GLU A 55 19.38 11.63 -23.79
C GLU A 55 18.96 12.41 -22.53
N GLU A 56 19.43 13.63 -22.45
CA GLU A 56 19.06 14.62 -21.41
C GLU A 56 18.52 15.88 -22.07
N ASP A 57 17.58 16.51 -21.40
CA ASP A 57 17.00 17.80 -21.83
C ASP A 57 17.23 18.78 -20.69
N LEU A 58 18.05 19.81 -20.89
CA LEU A 58 18.45 20.68 -19.77
C LEU A 58 17.41 21.76 -19.49
N LYS A 59 16.29 21.76 -20.20
CA LYS A 59 15.22 22.77 -20.00
C LYS A 59 14.29 22.30 -18.86
N VAL A 60 14.32 20.99 -18.55
CA VAL A 60 13.50 20.39 -17.45
C VAL A 60 14.24 20.55 -16.13
N GLN A 61 15.56 20.75 -16.19
CA GLN A 61 16.40 20.86 -14.98
C GLN A 61 15.95 22.05 -14.14
N HIS A 62 15.77 21.84 -12.86
CA HIS A 62 15.42 22.93 -11.95
C HIS A 62 16.50 24.01 -12.02
N SER A 63 16.07 25.26 -12.10
CA SER A 63 16.94 26.46 -12.22
C SER A 63 18.02 26.48 -11.12
N SER A 64 17.75 26.02 -9.90
CA SER A 64 18.77 26.14 -8.82
C SER A 64 19.86 25.09 -9.00
N TYR A 65 19.82 24.25 -10.03
CA TYR A 65 20.81 23.19 -10.27
C TYR A 65 21.53 23.42 -11.61
N ARG A 66 21.07 24.39 -12.41
CA ARG A 66 21.68 24.70 -13.74
C ARG A 66 23.16 25.05 -13.58
N GLN A 67 24.00 24.40 -14.38
CA GLN A 67 25.48 24.51 -14.45
C GLN A 67 26.12 24.06 -13.14
N ARG A 68 25.40 23.42 -12.22
CA ARG A 68 26.01 22.93 -10.97
C ARG A 68 25.99 21.40 -10.90
N ALA A 69 25.03 20.78 -11.54
CA ALA A 69 24.66 19.37 -11.32
C ALA A 69 24.87 18.65 -12.61
N ARG A 70 25.58 17.53 -12.56
CA ARG A 70 25.71 16.63 -13.72
C ARG A 70 25.86 15.17 -13.30
N LEU A 71 25.41 14.31 -14.20
CA LEU A 71 25.58 12.85 -14.08
C LEU A 71 26.93 12.49 -14.67
N LEU A 72 27.72 11.73 -13.92
CA LEU A 72 29.06 11.27 -14.38
C LEU A 72 28.85 10.03 -15.22
N LYS A 73 28.60 10.19 -16.51
CA LYS A 73 28.14 9.11 -17.42
C LYS A 73 29.21 8.03 -17.60
N ASP A 74 30.45 8.29 -17.23
CA ASP A 74 31.55 7.30 -17.43
C ASP A 74 31.45 6.22 -16.36
N GLN A 75 30.71 6.49 -15.30
CA GLN A 75 30.57 5.59 -14.13
C GLN A 75 29.46 4.58 -14.44
N LEU A 76 28.57 4.89 -15.38
CA LEU A 76 27.38 4.05 -15.62
C LEU A 76 27.79 2.62 -16.02
N SER A 77 28.93 2.41 -16.68
CA SER A 77 29.38 1.05 -17.08
C SER A 77 29.81 0.25 -15.84
N LEU A 78 30.20 0.92 -14.76
CA LEU A 78 30.49 0.27 -13.44
C LEU A 78 29.20 0.09 -12.61
N GLY A 79 28.03 0.34 -13.18
CA GLY A 79 26.76 0.31 -12.44
C GLY A 79 26.67 1.39 -11.38
N ASN A 80 27.17 2.59 -11.70
CA ASN A 80 27.26 3.70 -10.72
C ASN A 80 26.58 4.95 -11.31
N ALA A 81 25.39 5.32 -10.84
CA ALA A 81 24.75 6.60 -11.20
C ALA A 81 25.26 7.67 -10.23
N ALA A 82 26.28 8.45 -10.60
CA ALA A 82 26.94 9.39 -9.66
C ALA A 82 26.54 10.82 -10.02
N LEU A 83 25.93 11.52 -9.07
CA LEU A 83 25.47 12.92 -9.22
C LEU A 83 26.55 13.80 -8.60
N GLN A 84 27.15 14.67 -9.40
CA GLN A 84 28.15 15.62 -8.89
C GLN A 84 27.50 17.01 -8.81
N ILE A 85 27.53 17.61 -7.63
CA ILE A 85 27.03 18.99 -7.45
C ILE A 85 28.21 19.87 -7.03
N THR A 86 28.37 20.92 -7.81
CA THR A 86 29.42 21.94 -7.76
C THR A 86 28.92 23.05 -6.82
N ASP A 87 29.79 23.61 -5.96
CA ASP A 87 29.52 24.86 -5.20
C ASP A 87 28.24 24.68 -4.39
N VAL A 88 28.34 23.80 -3.39
CA VAL A 88 27.19 23.34 -2.59
C VAL A 88 26.65 24.54 -1.81
N LYS A 89 25.34 24.68 -1.83
CA LYS A 89 24.64 25.74 -1.09
C LYS A 89 24.04 25.15 0.19
N LEU A 90 23.58 26.04 1.06
CA LEU A 90 22.83 25.66 2.28
C LEU A 90 21.47 25.07 1.91
N GLN A 91 20.87 25.52 0.81
CA GLN A 91 19.55 25.05 0.31
C GLN A 91 19.68 23.69 -0.37
N ASP A 92 20.90 23.19 -0.56
CA ASP A 92 21.17 21.86 -1.12
C ASP A 92 20.96 20.78 -0.05
N ALA A 93 20.81 21.17 1.22
CA ALA A 93 20.60 20.21 2.33
C ALA A 93 19.17 19.69 2.26
N GLY A 94 19.00 18.39 2.47
CA GLY A 94 17.69 17.74 2.38
C GLY A 94 17.79 16.32 1.83
N VAL A 95 16.69 15.86 1.26
CA VAL A 95 16.54 14.45 0.89
C VAL A 95 16.56 14.35 -0.63
N TYR A 96 17.57 13.65 -1.14
CA TYR A 96 17.70 13.36 -2.57
C TYR A 96 17.20 11.96 -2.82
N ARG A 97 16.71 11.73 -4.01
CA ARG A 97 16.30 10.38 -4.42
C ARG A 97 17.01 10.08 -5.72
N CYS A 98 17.61 8.91 -5.82
CA CYS A 98 17.94 8.38 -7.15
C CYS A 98 16.92 7.30 -7.47
N MET A 99 16.38 7.35 -8.68
CA MET A 99 15.34 6.45 -9.18
C MET A 99 15.87 5.87 -10.48
N ILE A 100 15.92 4.55 -10.60
CA ILE A 100 16.57 3.90 -11.77
C ILE A 100 15.66 2.81 -12.30
N SER A 101 15.43 2.84 -13.60
CA SER A 101 14.70 1.79 -14.37
C SER A 101 15.69 1.16 -15.37
N TYR A 102 16.02 -0.10 -15.17
CA TYR A 102 16.97 -0.85 -16.03
C TYR A 102 16.78 -2.36 -15.85
N GLY A 103 15.91 -2.99 -16.64
CA GLY A 103 15.43 -4.35 -16.32
C GLY A 103 14.30 -4.27 -15.32
N GLY A 104 14.63 -4.06 -14.06
CA GLY A 104 13.65 -3.70 -13.02
C GLY A 104 13.65 -2.21 -12.71
N ALA A 105 13.24 -1.85 -11.50
CA ALA A 105 13.22 -0.48 -11.03
C ALA A 105 13.46 -0.50 -9.54
N ASP A 106 14.06 0.53 -9.01
CA ASP A 106 14.30 0.65 -7.55
C ASP A 106 14.71 2.07 -7.31
N TYR A 107 14.58 2.55 -6.09
CA TYR A 107 15.12 3.87 -5.76
C TYR A 107 15.62 3.87 -4.35
N LYS A 108 16.45 4.86 -4.06
CA LYS A 108 16.99 5.12 -2.72
C LYS A 108 16.84 6.59 -2.38
N ARG A 109 16.84 6.85 -1.09
CA ARG A 109 16.78 8.16 -0.44
C ARG A 109 18.19 8.48 0.06
N ILE A 110 18.64 9.69 -0.11
CA ILE A 110 19.98 10.05 0.41
C ILE A 110 19.82 11.40 1.07
N THR A 111 20.34 11.51 2.29
CA THR A 111 20.26 12.75 3.07
C THR A 111 21.57 13.53 2.93
N VAL A 112 21.42 14.81 2.62
CA VAL A 112 22.58 15.71 2.53
C VAL A 112 22.44 16.78 3.60
N LYS A 113 23.49 16.92 4.40
CA LYS A 113 23.65 17.93 5.46
C LYS A 113 24.74 18.89 5.00
N VAL A 114 24.43 20.16 4.91
CA VAL A 114 25.48 21.17 4.58
C VAL A 114 25.81 21.94 5.86
N ASN A 115 27.05 21.77 6.32
CA ASN A 115 27.54 22.50 7.50
C ASN A 115 27.53 23.98 7.16
N ALA A 116 27.08 24.80 8.10
CA ALA A 116 27.19 26.27 7.97
C ALA A 116 28.66 26.64 7.85
N PRO A 117 28.98 27.70 7.07
CA PRO A 117 30.35 28.13 6.87
C PRO A 117 30.93 28.49 8.25
N TYR A 118 32.14 28.02 8.55
CA TYR A 118 32.77 28.20 9.88
C TYR A 118 34.30 28.26 9.73
N ALA A 119 34.89 29.34 10.23
CA ALA A 119 36.35 29.52 10.44
C ALA A 119 36.76 28.81 11.73
N ALA A 120 37.04 27.51 11.64
CA ALA A 120 37.50 26.63 12.75
C ALA A 120 38.99 26.92 13.04
N ALA A 121 39.30 27.42 14.25
CA ALA A 121 40.65 27.81 14.72
C ALA A 121 40.93 27.16 16.10
N LEU A 122 42.13 26.61 16.31
CA LEU A 122 42.58 26.01 17.60
C LEU A 122 44.11 26.05 17.67
N ALA B 2 7.62 13.70 -23.05
CA ALA B 2 7.86 13.28 -21.64
C ALA B 2 6.72 12.35 -21.18
N PHE B 3 7.07 11.12 -20.82
CA PHE B 3 6.14 10.17 -20.17
C PHE B 3 5.63 10.80 -18.85
N THR B 4 4.31 10.90 -18.72
CA THR B 4 3.66 11.61 -17.61
C THR B 4 2.65 10.67 -16.94
N VAL B 5 2.70 10.57 -15.63
CA VAL B 5 1.67 9.90 -14.81
C VAL B 5 0.81 11.03 -14.25
N THR B 6 -0.50 10.87 -14.23
CA THR B 6 -1.40 11.89 -13.62
C THR B 6 -2.29 11.21 -12.57
N VAL B 7 -2.91 12.00 -11.71
CA VAL B 7 -3.85 11.50 -10.69
C VAL B 7 -5.10 12.37 -10.73
N PRO B 8 -6.28 11.73 -10.88
CA PRO B 8 -7.56 12.42 -10.81
C PRO B 8 -7.75 13.16 -9.49
N LYS B 9 -7.36 12.51 -8.38
CA LYS B 9 -7.52 13.02 -7.00
C LYS B 9 -6.17 12.87 -6.34
N ASP B 10 -5.68 13.87 -5.63
CA ASP B 10 -4.39 13.71 -4.93
C ASP B 10 -4.63 13.65 -3.42
N LEU B 11 -5.89 13.65 -3.00
CA LEU B 11 -6.26 13.49 -1.59
C LEU B 11 -7.56 12.72 -1.53
N TYR B 12 -7.56 11.66 -0.73
CA TYR B 12 -8.77 10.83 -0.49
C TYR B 12 -9.05 10.81 1.01
N VAL B 13 -10.30 11.07 1.39
CA VAL B 13 -10.78 10.97 2.79
C VAL B 13 -11.63 9.71 2.86
N VAL B 14 -11.25 8.78 3.70
CA VAL B 14 -11.94 7.46 3.72
C VAL B 14 -12.39 7.18 5.15
N GLU B 15 -13.51 6.48 5.26
CA GLU B 15 -14.07 6.00 6.54
C GLU B 15 -13.30 4.77 6.99
N TYR B 16 -12.98 4.74 8.27
CA TYR B 16 -12.39 3.58 8.95
C TYR B 16 -13.15 2.30 8.57
N GLY B 17 -12.41 1.25 8.23
CA GLY B 17 -12.95 -0.08 7.93
C GLY B 17 -13.60 -0.22 6.55
N SER B 18 -13.71 0.85 5.75
CA SER B 18 -14.28 0.78 4.37
C SER B 18 -13.21 0.30 3.39
N ASN B 19 -13.56 0.29 2.10
CA ASN B 19 -12.61 0.06 0.99
C ASN B 19 -12.33 1.36 0.25
N MET B 20 -11.13 1.50 -0.29
CA MET B 20 -10.81 2.64 -1.15
C MET B 20 -10.11 2.12 -2.40
N THR B 21 -10.27 2.85 -3.48
CA THR B 21 -9.47 2.63 -4.71
C THR B 21 -8.77 3.96 -5.05
N ILE B 22 -7.44 3.96 -5.11
CA ILE B 22 -6.69 5.18 -5.51
C ILE B 22 -6.09 4.93 -6.89
N GLU B 23 -6.20 5.91 -7.80
CA GLU B 23 -5.86 5.71 -9.24
C GLU B 23 -4.68 6.59 -9.69
N CYS B 24 -3.80 5.99 -10.47
CA CYS B 24 -2.72 6.65 -11.25
C CYS B 24 -2.93 6.34 -12.72
N LYS B 25 -3.08 7.37 -13.57
CA LYS B 25 -3.19 7.24 -15.04
C LYS B 25 -1.83 7.41 -15.71
N PHE B 26 -1.57 6.56 -16.70
CA PHE B 26 -0.35 6.62 -17.52
C PHE B 26 -0.75 6.33 -18.96
N PRO B 27 -0.08 6.93 -19.96
CA PRO B 27 -0.54 6.80 -21.34
C PRO B 27 -0.23 5.42 -21.90
N VAL B 28 -1.20 4.84 -22.60
CA VAL B 28 -1.10 3.48 -23.22
C VAL B 28 -1.70 3.58 -24.62
N GLU B 29 -0.98 3.14 -25.65
CA GLU B 29 -1.46 3.13 -27.06
C GLU B 29 -1.41 1.71 -27.63
N LYS B 30 -2.57 1.24 -28.11
CA LYS B 30 -2.77 -0.11 -28.71
C LYS B 30 -2.46 -1.20 -27.68
N GLN B 31 -1.51 -2.08 -28.00
CA GLN B 31 -1.23 -3.29 -27.19
C GLN B 31 -0.39 -2.83 -26.00
N LEU B 32 -0.91 -3.05 -24.78
CA LEU B 32 -0.17 -2.89 -23.51
C LEU B 32 1.01 -3.87 -23.52
N ASP B 33 2.26 -3.39 -23.65
CA ASP B 33 3.47 -4.26 -23.66
C ASP B 33 3.84 -4.58 -22.22
N LEU B 34 3.37 -5.74 -21.75
CA LEU B 34 3.48 -6.18 -20.33
C LEU B 34 4.94 -6.47 -19.99
N ALA B 35 5.74 -6.86 -20.98
CA ALA B 35 7.17 -7.15 -20.76
C ALA B 35 7.92 -5.85 -20.44
N ALA B 36 7.34 -4.68 -20.68
CA ALA B 36 8.02 -3.38 -20.53
C ALA B 36 7.48 -2.58 -19.33
N LEU B 37 6.50 -3.11 -18.62
CA LEU B 37 5.71 -2.32 -17.65
C LEU B 37 6.10 -2.70 -16.21
N ILE B 38 6.29 -1.67 -15.39
CA ILE B 38 6.51 -1.84 -13.94
C ILE B 38 5.57 -0.87 -13.25
N VAL B 39 4.78 -1.40 -12.33
CA VAL B 39 3.86 -0.60 -11.47
C VAL B 39 4.21 -0.89 -10.04
N TYR B 40 4.48 0.15 -9.26
CA TYR B 40 4.91 -0.01 -7.87
C TYR B 40 4.15 0.97 -7.03
N TRP B 41 3.47 0.48 -6.00
CA TRP B 41 2.75 1.34 -5.03
C TRP B 41 3.42 1.18 -3.68
N GLU B 42 3.62 2.28 -2.97
CA GLU B 42 4.14 2.20 -1.61
C GLU B 42 3.51 3.28 -0.79
N MET B 43 3.78 3.22 0.49
CA MET B 43 3.36 4.22 1.48
C MET B 43 4.47 4.21 2.53
N GLU B 44 5.24 5.30 2.67
CA GLU B 44 6.28 5.39 3.73
C GLU B 44 7.18 4.13 3.68
N ASP B 45 7.71 3.82 2.50
CA ASP B 45 8.69 2.70 2.35
C ASP B 45 8.07 1.33 2.57
N LYS B 46 6.74 1.22 2.59
CA LYS B 46 6.09 -0.10 2.67
C LYS B 46 5.63 -0.58 1.31
N ASN B 47 6.18 -1.71 0.88
CA ASN B 47 5.89 -2.33 -0.42
C ASN B 47 4.44 -2.81 -0.42
N ILE B 48 3.57 -2.20 -1.19
CA ILE B 48 2.16 -2.62 -1.23
C ILE B 48 1.96 -3.52 -2.44
N ILE B 49 2.35 -3.01 -3.60
CA ILE B 49 2.20 -3.68 -4.92
C ILE B 49 3.53 -3.50 -5.63
N GLN B 50 4.08 -4.58 -6.13
CA GLN B 50 5.30 -4.53 -6.95
C GLN B 50 5.03 -5.44 -8.15
N PHE B 51 4.37 -4.86 -9.15
CA PHE B 51 4.04 -5.50 -10.43
C PHE B 51 5.18 -5.33 -11.43
N VAL B 52 5.95 -6.37 -11.68
CA VAL B 52 7.14 -6.32 -12.58
C VAL B 52 6.91 -7.19 -13.81
N HIS B 53 6.66 -6.54 -14.95
CA HIS B 53 6.47 -7.20 -16.27
C HIS B 53 5.41 -8.31 -16.15
N GLY B 54 4.29 -8.06 -15.48
CA GLY B 54 3.19 -9.04 -15.44
C GLY B 54 3.23 -9.94 -14.22
N GLU B 55 4.33 -9.98 -13.47
CA GLU B 55 4.47 -10.91 -12.33
C GLU B 55 4.54 -10.16 -11.01
N GLU B 56 3.96 -10.76 -9.98
CA GLU B 56 3.97 -10.23 -8.61
C GLU B 56 4.49 -11.29 -7.66
N ASP B 57 5.24 -10.85 -6.67
CA ASP B 57 5.74 -11.71 -5.57
C ASP B 57 4.98 -11.30 -4.30
N LEU B 58 4.04 -12.11 -3.86
CA LEU B 58 3.28 -11.82 -2.63
C LEU B 58 4.24 -11.80 -1.43
N LYS B 59 5.44 -12.38 -1.54
CA LYS B 59 6.35 -12.54 -0.37
C LYS B 59 7.17 -11.27 -0.14
N VAL B 60 7.06 -10.31 -1.05
CA VAL B 60 7.79 -9.01 -0.96
C VAL B 60 6.85 -7.94 -0.38
N GLN B 61 5.55 -8.23 -0.35
CA GLN B 61 4.49 -7.34 0.19
C GLN B 61 4.64 -7.18 1.70
N HIS B 62 4.35 -5.99 2.19
CA HIS B 62 4.46 -5.65 3.62
C HIS B 62 3.32 -6.35 4.34
N SER B 63 3.65 -6.96 5.47
CA SER B 63 2.72 -7.74 6.32
C SER B 63 1.40 -6.98 6.53
N SER B 64 1.42 -5.66 6.74
CA SER B 64 0.19 -4.89 7.05
C SER B 64 -0.75 -4.78 5.83
N TYR B 65 -0.33 -5.17 4.63
CA TYR B 65 -1.17 -5.06 3.40
C TYR B 65 -1.57 -6.46 2.90
N ARG B 66 -1.08 -7.53 3.54
CA ARG B 66 -1.41 -8.92 3.09
C ARG B 66 -2.92 -9.15 3.08
N GLN B 67 -3.44 -9.74 2.00
CA GLN B 67 -4.89 -10.04 1.78
C GLN B 67 -5.74 -8.77 1.76
N ARG B 68 -5.18 -7.57 1.81
CA ARG B 68 -5.96 -6.30 1.80
C ARG B 68 -5.73 -5.49 0.52
N ALA B 69 -4.57 -5.59 -0.11
CA ALA B 69 -4.17 -4.72 -1.22
C ALA B 69 -4.13 -5.54 -2.49
N ARG B 70 -4.77 -5.00 -3.52
CA ARG B 70 -4.81 -5.57 -4.88
C ARG B 70 -4.66 -4.48 -5.93
N LEU B 71 -3.88 -4.77 -6.97
CA LEU B 71 -3.83 -3.96 -8.21
C LEU B 71 -4.91 -4.51 -9.15
N LEU B 72 -5.73 -3.64 -9.73
CA LEU B 72 -6.85 -4.05 -10.64
C LEU B 72 -6.31 -4.13 -12.05
N LYS B 73 -5.93 -5.31 -12.49
CA LYS B 73 -5.18 -5.51 -13.73
C LYS B 73 -6.03 -5.28 -14.97
N ASP B 74 -7.36 -5.31 -14.86
CA ASP B 74 -8.28 -5.10 -16.02
C ASP B 74 -8.19 -3.63 -16.48
N GLN B 75 -7.86 -2.73 -15.53
CA GLN B 75 -7.70 -1.27 -15.71
C GLN B 75 -6.40 -0.96 -16.46
N LEU B 76 -5.37 -1.79 -16.38
CA LEU B 76 -4.05 -1.40 -16.92
C LEU B 76 -4.18 -1.16 -18.41
N SER B 77 -5.04 -1.92 -19.10
CA SER B 77 -5.17 -1.76 -20.58
C SER B 77 -5.71 -0.37 -20.93
N LEU B 78 -6.47 0.24 -20.03
CA LEU B 78 -6.97 1.65 -20.13
C LEU B 78 -5.92 2.62 -19.61
N GLY B 79 -4.73 2.18 -19.24
CA GLY B 79 -3.69 3.04 -18.64
C GLY B 79 -4.06 3.47 -17.25
N ASN B 80 -4.80 2.65 -16.52
CA ASN B 80 -5.18 3.00 -15.12
C ASN B 80 -4.50 1.95 -14.22
N ALA B 81 -3.62 2.43 -13.36
CA ALA B 81 -2.96 1.67 -12.27
C ALA B 81 -3.78 1.90 -11.00
N ALA B 82 -4.76 1.04 -10.74
CA ALA B 82 -5.73 1.19 -9.62
C ALA B 82 -5.36 0.26 -8.46
N LEU B 83 -5.08 0.85 -7.30
CA LEU B 83 -4.82 0.12 -6.04
C LEU B 83 -6.11 0.13 -5.24
N GLN B 84 -6.65 -1.05 -4.96
CA GLN B 84 -7.85 -1.17 -4.10
C GLN B 84 -7.41 -1.69 -2.73
N ILE B 85 -7.70 -0.93 -1.67
CA ILE B 85 -7.36 -1.41 -0.30
C ILE B 85 -8.66 -1.71 0.44
N THR B 86 -8.70 -2.91 0.97
CA THR B 86 -9.83 -3.54 1.70
C THR B 86 -9.63 -3.28 3.20
N ASP B 87 -10.70 -2.91 3.91
CA ASP B 87 -10.73 -2.83 5.41
C ASP B 87 -9.71 -1.81 5.89
N VAL B 88 -9.95 -0.53 5.56
CA VAL B 88 -8.93 0.53 5.80
C VAL B 88 -8.78 0.75 7.31
N LYS B 89 -7.55 0.68 7.78
CA LYS B 89 -7.16 0.95 9.18
C LYS B 89 -6.83 2.43 9.35
N LEU B 90 -6.58 2.85 10.59
CA LEU B 90 -6.16 4.23 10.90
C LEU B 90 -4.71 4.47 10.46
N GLN B 91 -3.89 3.41 10.38
CA GLN B 91 -2.45 3.51 10.04
C GLN B 91 -2.25 3.43 8.52
N ASP B 92 -3.35 3.39 7.76
CA ASP B 92 -3.30 3.49 6.29
C ASP B 92 -3.26 4.97 5.88
N ALA B 93 -3.41 5.88 6.85
CA ALA B 93 -3.40 7.33 6.59
C ALA B 93 -1.96 7.75 6.32
N GLY B 94 -1.78 8.61 5.32
CA GLY B 94 -0.42 9.06 4.96
C GLY B 94 -0.27 9.24 3.47
N VAL B 95 0.97 9.13 3.02
CA VAL B 95 1.33 9.53 1.65
C VAL B 95 1.66 8.27 0.86
N TYR B 96 0.87 8.00 -0.17
CA TYR B 96 1.07 6.87 -1.08
C TYR B 96 1.77 7.37 -2.33
N ARG B 97 2.45 6.45 -3.00
CA ARG B 97 3.18 6.77 -4.24
C ARG B 97 2.91 5.70 -5.26
N CYS B 98 2.49 6.06 -6.47
CA CYS B 98 2.57 5.12 -7.61
C CYS B 98 3.77 5.55 -8.46
N MET B 99 4.61 4.58 -8.80
CA MET B 99 5.79 4.74 -9.63
C MET B 99 5.58 3.81 -10.82
N ILE B 100 5.71 4.31 -12.03
CA ILE B 100 5.39 3.54 -13.25
C ILE B 100 6.55 3.73 -14.22
N SER B 101 7.05 2.63 -14.76
CA SER B 101 8.03 2.58 -15.86
C SER B 101 7.36 1.89 -17.04
N TYR B 102 7.18 2.60 -18.14
CA TYR B 102 6.51 2.10 -19.36
C TYR B 102 6.93 2.96 -20.54
N GLY B 103 8.04 2.61 -21.17
CA GLY B 103 8.70 3.54 -22.11
C GLY B 103 9.48 4.57 -21.32
N GLY B 104 8.82 5.58 -20.80
CA GLY B 104 9.43 6.48 -19.81
C GLY B 104 9.16 6.04 -18.38
N ALA B 105 9.33 6.96 -17.43
CA ALA B 105 9.08 6.71 -16.02
C ALA B 105 8.59 8.01 -15.39
N ASP B 106 7.72 7.87 -14.41
CA ASP B 106 7.14 9.00 -13.68
C ASP B 106 6.46 8.43 -12.44
N TYR B 107 6.25 9.28 -11.45
CA TYR B 107 5.55 8.86 -10.23
C TYR B 107 4.78 10.05 -9.67
N LYS B 108 3.74 9.74 -8.91
CA LYS B 108 2.86 10.74 -8.29
C LYS B 108 2.59 10.35 -6.85
N ARG B 109 2.22 11.35 -6.07
CA ARG B 109 1.93 11.22 -4.64
C ARG B 109 0.42 11.33 -4.46
N ILE B 110 -0.12 10.50 -3.58
CA ILE B 110 -1.55 10.58 -3.16
C ILE B 110 -1.58 10.56 -1.63
N THR B 111 -2.35 11.48 -1.05
CA THR B 111 -2.52 11.59 0.40
C THR B 111 -3.85 10.91 0.74
N VAL B 112 -3.78 10.05 1.74
CA VAL B 112 -4.98 9.36 2.28
C VAL B 112 -5.12 9.78 3.72
N LYS B 113 -6.31 10.24 4.06
CA LYS B 113 -6.66 10.59 5.45
C LYS B 113 -7.77 9.64 5.86
N VAL B 114 -7.64 9.04 7.03
CA VAL B 114 -8.67 8.09 7.53
C VAL B 114 -9.41 8.80 8.68
N ASN B 115 -10.70 9.07 8.47
CA ASN B 115 -11.60 9.58 9.54
C ASN B 115 -11.80 8.50 10.61
N ALA B 116 -11.46 8.84 11.85
CA ALA B 116 -11.75 8.03 13.05
C ALA B 116 -13.25 7.75 13.10
N PRO B 117 -13.64 6.54 13.55
CA PRO B 117 -15.03 6.09 13.45
C PRO B 117 -15.89 6.98 14.35
N TYR B 118 -17.00 7.50 13.82
CA TYR B 118 -17.87 8.48 14.52
C TYR B 118 -19.34 8.20 14.23
N ALA B 119 -20.12 8.00 15.29
CA ALA B 119 -21.56 7.68 15.27
C ALA B 119 -22.41 8.95 15.08
N ALA B 120 -23.38 8.90 14.16
CA ALA B 120 -24.45 9.91 13.92
C ALA B 120 -25.44 9.91 15.10
N ALA C 2 -25.61 -2.60 32.98
CA ALA C 2 -26.42 -1.65 32.13
C ALA C 2 -25.91 -1.68 30.68
N PHE C 3 -24.61 -1.96 30.49
CA PHE C 3 -24.05 -2.23 29.15
C PHE C 3 -24.69 -3.50 28.59
N THR C 4 -25.46 -3.35 27.53
CA THR C 4 -26.25 -4.43 26.94
C THR C 4 -25.85 -4.62 25.50
N VAL C 5 -25.56 -5.85 25.15
CA VAL C 5 -25.37 -6.28 23.74
C VAL C 5 -26.70 -6.89 23.36
N THR C 6 -27.21 -6.57 22.18
CA THR C 6 -28.45 -7.17 21.64
C THR C 6 -28.15 -7.87 20.32
N VAL C 7 -29.03 -8.76 19.92
CA VAL C 7 -28.93 -9.36 18.56
C VAL C 7 -30.22 -9.06 17.82
N PRO C 8 -30.13 -8.57 16.58
CA PRO C 8 -31.29 -8.47 15.70
C PRO C 8 -32.01 -9.80 15.50
N LYS C 9 -31.25 -10.87 15.35
CA LYS C 9 -31.82 -12.23 15.22
C LYS C 9 -30.95 -13.15 16.01
N ASP C 10 -31.49 -14.21 16.57
CA ASP C 10 -30.62 -15.23 17.21
C ASP C 10 -30.79 -16.57 16.50
N LEU C 11 -31.45 -16.58 15.35
CA LEU C 11 -31.47 -17.78 14.50
C LEU C 11 -31.27 -17.37 13.05
N TYR C 12 -30.30 -18.02 12.40
CA TYR C 12 -29.95 -17.81 10.97
C TYR C 12 -30.01 -19.14 10.27
N VAL C 13 -30.84 -19.20 9.23
CA VAL C 13 -30.92 -20.38 8.35
C VAL C 13 -30.22 -20.05 7.04
N VAL C 14 -29.10 -20.73 6.79
CA VAL C 14 -28.23 -20.36 5.65
C VAL C 14 -28.09 -21.56 4.73
N GLU C 15 -27.92 -21.27 3.43
CA GLU C 15 -27.66 -22.29 2.40
C GLU C 15 -26.19 -22.71 2.42
N TYR C 16 -25.98 -24.02 2.40
CA TYR C 16 -24.65 -24.59 2.14
C TYR C 16 -23.96 -23.79 1.03
N GLY C 17 -22.74 -23.33 1.29
CA GLY C 17 -21.84 -22.72 0.30
C GLY C 17 -22.11 -21.25 0.03
N SER C 18 -23.11 -20.64 0.65
CA SER C 18 -23.35 -19.19 0.47
C SER C 18 -22.55 -18.41 1.50
N ASN C 19 -22.80 -17.12 1.57
CA ASN C 19 -22.16 -16.22 2.54
C ASN C 19 -23.20 -15.89 3.59
N MET C 20 -22.75 -15.62 4.81
CA MET C 20 -23.67 -15.14 5.87
C MET C 20 -22.99 -14.04 6.69
N THR C 21 -23.80 -13.15 7.27
CA THR C 21 -23.33 -12.08 8.17
C THR C 21 -24.15 -12.14 9.43
N ILE C 22 -23.54 -12.40 10.58
CA ILE C 22 -24.31 -12.46 11.86
C ILE C 22 -23.88 -11.25 12.66
N GLU C 23 -24.82 -10.62 13.37
CA GLU C 23 -24.56 -9.27 13.97
C GLU C 23 -24.92 -9.25 15.45
N CYS C 24 -24.21 -8.41 16.18
CA CYS C 24 -24.39 -8.08 17.62
C CYS C 24 -24.36 -6.58 17.75
N LYS C 25 -25.42 -5.99 18.32
CA LYS C 25 -25.51 -4.52 18.50
C LYS C 25 -25.06 -4.19 19.90
N PHE C 26 -24.29 -3.12 20.01
CA PHE C 26 -23.85 -2.55 21.30
C PHE C 26 -23.92 -1.04 21.21
N PRO C 27 -24.13 -0.36 22.35
CA PRO C 27 -24.32 1.09 22.35
C PRO C 27 -23.01 1.88 22.15
N VAL C 28 -23.03 2.81 21.21
CA VAL C 28 -21.86 3.69 20.92
C VAL C 28 -22.34 5.14 21.00
N GLU C 29 -21.51 6.01 21.59
CA GLU C 29 -21.82 7.44 21.83
C GLU C 29 -20.78 8.28 21.10
N LYS C 30 -21.18 9.01 20.06
CA LYS C 30 -20.23 9.90 19.33
C LYS C 30 -18.97 9.11 18.93
N GLN C 31 -17.81 9.54 19.41
CA GLN C 31 -16.51 8.90 19.11
C GLN C 31 -16.63 7.43 19.54
N LEU C 32 -16.26 6.50 18.67
CA LEU C 32 -15.92 5.10 19.06
C LEU C 32 -14.45 5.12 19.49
N ASP C 33 -14.16 4.77 20.76
CA ASP C 33 -12.77 4.68 21.28
C ASP C 33 -12.24 3.28 21.01
N LEU C 34 -11.50 3.11 19.92
CA LEU C 34 -10.92 1.80 19.53
C LEU C 34 -10.08 1.25 20.67
N ALA C 35 -9.38 2.11 21.43
CA ALA C 35 -8.44 1.70 22.52
C ALA C 35 -9.19 1.00 23.66
N ALA C 36 -10.51 1.17 23.73
CA ALA C 36 -11.37 0.64 24.82
C ALA C 36 -12.17 -0.58 24.37
N LEU C 37 -12.09 -0.96 23.09
CA LEU C 37 -13.03 -1.91 22.44
C LEU C 37 -12.37 -3.28 22.21
N ILE C 38 -13.10 -4.32 22.60
CA ILE C 38 -12.77 -5.72 22.31
C ILE C 38 -14.01 -6.39 21.73
N VAL C 39 -13.85 -7.07 20.60
CA VAL C 39 -14.91 -7.87 19.95
C VAL C 39 -14.31 -9.25 19.76
N TYR C 40 -15.01 -10.27 20.26
CA TYR C 40 -14.58 -11.68 20.15
C TYR C 40 -15.77 -12.44 19.60
N TRP C 41 -15.54 -13.27 18.58
CA TRP C 41 -16.57 -14.16 18.02
C TRP C 41 -16.04 -15.55 18.06
N GLU C 42 -16.82 -16.49 18.55
CA GLU C 42 -16.34 -17.87 18.67
C GLU C 42 -17.52 -18.78 18.41
N MET C 43 -17.17 -20.01 18.12
CA MET C 43 -18.13 -21.09 17.86
C MET C 43 -17.54 -22.28 18.59
N GLU C 44 -18.11 -22.72 19.71
CA GLU C 44 -17.65 -24.00 20.36
C GLU C 44 -16.12 -23.98 20.57
N ASP C 45 -15.58 -22.94 21.18
CA ASP C 45 -14.14 -22.85 21.55
C ASP C 45 -13.26 -22.49 20.38
N LYS C 46 -13.80 -22.32 19.17
CA LYS C 46 -12.96 -21.91 18.04
C LYS C 46 -12.92 -20.40 17.95
N ASN C 47 -11.72 -19.86 18.01
CA ASN C 47 -11.45 -18.42 17.84
C ASN C 47 -11.73 -18.04 16.37
N ILE C 48 -12.75 -17.23 16.13
CA ILE C 48 -13.08 -16.78 14.77
C ILE C 48 -12.51 -15.40 14.56
N ILE C 49 -12.84 -14.47 15.45
CA ILE C 49 -12.38 -13.05 15.39
C ILE C 49 -11.94 -12.68 16.79
N GLN C 50 -10.79 -12.03 16.91
CA GLN C 50 -10.33 -11.50 18.20
C GLN C 50 -9.80 -10.10 17.93
N PHE C 51 -10.69 -9.13 17.96
CA PHE C 51 -10.36 -7.72 17.68
C PHE C 51 -10.11 -7.05 19.02
N VAL C 52 -8.87 -6.69 19.32
CA VAL C 52 -8.42 -6.14 20.63
C VAL C 52 -7.86 -4.75 20.40
N HIS C 53 -8.63 -3.72 20.73
CA HIS C 53 -8.20 -2.29 20.66
C HIS C 53 -7.69 -1.96 19.26
N GLY C 54 -8.45 -2.33 18.22
CA GLY C 54 -8.07 -2.03 16.81
C GLY C 54 -7.24 -3.11 16.18
N GLU C 55 -6.42 -3.83 16.93
CA GLU C 55 -5.49 -4.82 16.34
C GLU C 55 -6.16 -6.20 16.27
N GLU C 56 -5.85 -6.95 15.22
CA GLU C 56 -6.22 -8.39 15.04
C GLU C 56 -4.97 -9.21 14.75
N ASP C 57 -4.79 -10.35 15.40
CA ASP C 57 -3.69 -11.28 15.11
C ASP C 57 -4.27 -12.46 14.33
N LEU C 58 -3.90 -12.60 13.08
CA LEU C 58 -4.49 -13.61 12.19
C LEU C 58 -3.96 -15.00 12.54
N LYS C 59 -2.96 -15.11 13.45
CA LYS C 59 -2.27 -16.40 13.77
C LYS C 59 -3.02 -17.13 14.90
N VAL C 60 -3.90 -16.42 15.59
CA VAL C 60 -4.74 -16.94 16.70
C VAL C 60 -6.06 -17.53 16.14
N GLN C 61 -6.47 -17.10 14.95
CA GLN C 61 -7.69 -17.58 14.25
C GLN C 61 -7.58 -19.08 13.99
N HIS C 62 -8.64 -19.80 14.30
CA HIS C 62 -8.81 -21.23 14.01
C HIS C 62 -8.74 -21.48 12.51
N SER C 63 -8.07 -22.57 12.14
CA SER C 63 -7.73 -22.93 10.75
C SER C 63 -8.99 -23.06 9.89
N SER C 64 -10.15 -23.52 10.43
CA SER C 64 -11.42 -23.71 9.66
C SER C 64 -11.99 -22.37 9.18
N TYR C 65 -11.49 -21.23 9.67
CA TYR C 65 -12.07 -19.89 9.44
C TYR C 65 -11.06 -19.07 8.65
N ARG C 66 -9.85 -19.59 8.46
CA ARG C 66 -8.79 -18.85 7.72
C ARG C 66 -9.35 -18.45 6.37
N GLN C 67 -9.23 -17.17 6.03
CA GLN C 67 -9.64 -16.56 4.72
C GLN C 67 -11.14 -16.69 4.50
N ARG C 68 -11.95 -17.09 5.47
CA ARG C 68 -13.43 -17.13 5.29
C ARG C 68 -14.17 -16.15 6.20
N ALA C 69 -13.55 -15.74 7.30
CA ALA C 69 -14.21 -14.99 8.39
C ALA C 69 -13.63 -13.60 8.44
N ARG C 70 -14.50 -12.63 8.56
CA ARG C 70 -14.12 -11.21 8.57
C ARG C 70 -15.09 -10.42 9.44
N LEU C 71 -14.53 -9.49 10.20
CA LEU C 71 -15.30 -8.52 10.98
C LEU C 71 -15.50 -7.30 10.09
N LEU C 72 -16.73 -6.87 9.83
CA LEU C 72 -16.97 -5.66 9.01
C LEU C 72 -16.72 -4.40 9.84
N LYS C 73 -15.49 -3.92 9.92
CA LYS C 73 -15.05 -2.86 10.88
C LYS C 73 -15.70 -1.50 10.60
N ASP C 74 -16.36 -1.28 9.48
CA ASP C 74 -16.99 0.03 9.18
C ASP C 74 -18.37 0.10 9.83
N GLN C 75 -18.85 -1.03 10.35
CA GLN C 75 -20.16 -1.14 11.04
C GLN C 75 -19.98 -0.72 12.50
N LEU C 76 -18.77 -0.81 13.04
CA LEU C 76 -18.53 -0.56 14.48
C LEU C 76 -18.95 0.86 14.89
N SER C 77 -18.95 1.85 14.00
CA SER C 77 -19.34 3.24 14.36
C SER C 77 -20.84 3.29 14.68
N LEU C 78 -21.64 2.41 14.06
CA LEU C 78 -23.09 2.28 14.34
C LEU C 78 -23.32 1.37 15.55
N GLY C 79 -22.26 0.88 16.17
CA GLY C 79 -22.36 -0.08 17.28
C GLY C 79 -22.77 -1.47 16.81
N ASN C 80 -22.29 -1.87 15.64
CA ASN C 80 -22.71 -3.16 15.03
C ASN C 80 -21.44 -3.98 14.84
N ALA C 81 -21.31 -5.08 15.58
CA ALA C 81 -20.22 -6.05 15.40
C ALA C 81 -20.72 -7.10 14.39
N ALA C 82 -20.28 -7.04 13.15
CA ALA C 82 -20.80 -7.90 12.08
C ALA C 82 -19.72 -8.90 11.65
N LEU C 83 -20.01 -10.18 11.75
CA LEU C 83 -19.09 -11.28 11.37
C LEU C 83 -19.55 -11.78 10.03
N GLN C 84 -18.71 -11.63 9.01
CA GLN C 84 -19.09 -12.16 7.68
C GLN C 84 -18.35 -13.47 7.44
N ILE C 85 -19.08 -14.52 7.08
CA ILE C 85 -18.45 -15.82 6.77
C ILE C 85 -18.80 -16.19 5.35
N THR C 86 -17.78 -16.48 4.56
CA THR C 86 -17.95 -16.92 3.16
C THR C 86 -17.89 -18.45 3.07
N ASP C 87 -18.58 -19.01 2.07
CA ASP C 87 -18.54 -20.45 1.69
C ASP C 87 -18.91 -21.29 2.92
N VAL C 88 -20.13 -21.13 3.38
CA VAL C 88 -20.62 -21.74 4.62
C VAL C 88 -20.57 -23.25 4.43
N LYS C 89 -19.99 -23.93 5.40
CA LYS C 89 -19.95 -25.41 5.44
C LYS C 89 -21.07 -25.92 6.34
N LEU C 90 -21.28 -27.22 6.34
CA LEU C 90 -22.23 -27.87 7.27
C LEU C 90 -21.70 -27.81 8.71
N GLN C 91 -20.39 -27.63 8.90
CA GLN C 91 -19.74 -27.63 10.23
C GLN C 91 -19.81 -26.23 10.82
N ASP C 92 -20.34 -25.29 10.05
CA ASP C 92 -20.54 -23.90 10.51
C ASP C 92 -21.85 -23.85 11.29
N ALA C 93 -22.60 -24.95 11.30
CA ALA C 93 -23.91 -25.00 12.01
C ALA C 93 -23.62 -25.19 13.49
N GLY C 94 -24.29 -24.38 14.31
CA GLY C 94 -24.16 -24.46 15.77
C GLY C 94 -24.33 -23.11 16.43
N VAL C 95 -23.70 -22.98 17.57
CA VAL C 95 -23.88 -21.83 18.48
C VAL C 95 -22.64 -20.95 18.39
N TYR C 96 -22.88 -19.71 18.03
CA TYR C 96 -21.86 -18.67 17.96
C TYR C 96 -22.05 -17.75 19.14
N ARG C 97 -20.98 -17.10 19.52
CA ARG C 97 -21.02 -16.16 20.62
C ARG C 97 -20.34 -14.89 20.22
N CYS C 98 -20.92 -13.75 20.50
CA CYS C 98 -20.17 -12.49 20.38
C CYS C 98 -19.97 -11.95 21.77
N MET C 99 -18.76 -11.57 22.12
CA MET C 99 -18.48 -11.02 23.43
C MET C 99 -17.87 -9.65 23.21
N ILE C 100 -18.41 -8.65 23.87
CA ILE C 100 -17.97 -7.25 23.64
C ILE C 100 -17.65 -6.62 24.98
N SER C 101 -16.50 -5.98 25.07
CA SER C 101 -16.06 -5.11 26.18
C SER C 101 -15.88 -3.70 25.60
N TYR C 102 -16.70 -2.76 26.03
CA TYR C 102 -16.64 -1.33 25.66
C TYR C 102 -17.32 -0.50 26.77
N GLY C 103 -16.56 -0.04 27.77
CA GLY C 103 -17.15 0.47 29.01
C GLY C 103 -17.56 -0.69 29.87
N GLY C 104 -18.68 -1.30 29.52
CA GLY C 104 -19.19 -2.50 30.17
C GLY C 104 -18.72 -3.75 29.46
N ALA C 105 -19.40 -4.86 29.70
CA ALA C 105 -19.17 -6.13 29.01
C ALA C 105 -20.46 -6.91 28.95
N ASP C 106 -20.71 -7.55 27.81
CA ASP C 106 -21.89 -8.39 27.65
C ASP C 106 -21.60 -9.37 26.52
N TYR C 107 -22.41 -10.42 26.41
CA TYR C 107 -22.22 -11.38 25.31
C TYR C 107 -23.56 -11.96 24.93
N LYS C 108 -23.65 -12.48 23.72
CA LYS C 108 -24.90 -13.08 23.22
C LYS C 108 -24.58 -14.34 22.45
N ARG C 109 -25.58 -15.18 22.34
CA ARG C 109 -25.56 -16.45 21.64
C ARG C 109 -26.38 -16.30 20.38
N ILE C 110 -25.86 -16.81 19.29
CA ILE C 110 -26.61 -16.82 18.00
C ILE C 110 -26.51 -18.24 17.46
N THR C 111 -27.64 -18.76 17.01
CA THR C 111 -27.70 -20.11 16.43
C THR C 111 -27.68 -20.00 14.92
N VAL C 112 -26.83 -20.81 14.32
CA VAL C 112 -26.76 -20.93 12.85
C VAL C 112 -27.16 -22.34 12.48
N LYS C 113 -28.11 -22.42 11.57
CA LYS C 113 -28.59 -23.68 10.98
C LYS C 113 -28.15 -23.67 9.51
N VAL C 114 -27.49 -24.72 9.03
CA VAL C 114 -27.09 -24.79 7.60
C VAL C 114 -27.94 -25.83 6.87
N ASN C 115 -28.73 -25.40 5.89
CA ASN C 115 -29.51 -26.30 5.00
C ASN C 115 -28.55 -27.13 4.14
N ALA C 116 -28.51 -28.44 4.36
CA ALA C 116 -27.78 -29.43 3.51
C ALA C 116 -28.17 -29.24 2.03
N PRO C 117 -27.22 -29.35 1.09
CA PRO C 117 -27.48 -29.08 -0.33
C PRO C 117 -28.51 -30.10 -0.87
N TYR C 118 -29.52 -29.58 -1.56
CA TYR C 118 -30.73 -30.31 -1.94
C TYR C 118 -31.21 -29.73 -3.27
N ALA C 119 -31.27 -30.57 -4.31
CA ALA C 119 -31.79 -30.26 -5.66
C ALA C 119 -33.32 -30.44 -5.70
N ALA C 120 -34.06 -29.35 -5.84
CA ALA C 120 -35.53 -29.39 -5.73
C ALA C 120 -36.15 -29.78 -7.09
N ALA C 121 -35.33 -30.03 -8.11
CA ALA C 121 -35.76 -30.38 -9.48
C ALA C 121 -35.50 -31.87 -9.80
N LEU C 122 -36.40 -32.52 -10.58
CA LEU C 122 -36.33 -33.95 -10.99
C LEU C 122 -36.12 -34.09 -12.51
N GLU C 123 -35.32 -35.08 -12.92
CA GLU C 123 -34.94 -35.36 -14.34
C GLU C 123 -36.16 -35.88 -15.11
N HIS C 124 -36.83 -36.93 -14.61
CA HIS C 124 -37.71 -37.83 -15.44
C HIS C 124 -39.14 -37.88 -14.89
N HIS C 125 -39.34 -38.14 -13.60
CA HIS C 125 -40.68 -38.53 -13.06
C HIS C 125 -41.62 -37.31 -13.12
N HIS C 126 -42.18 -37.10 -14.33
CA HIS C 126 -43.42 -36.33 -14.66
C HIS C 126 -43.61 -36.30 -16.19
C14 R81 D . 6.53 15.23 -12.57
C7 R81 D . 11.43 9.44 -13.15
N4 R81 D . 11.00 0.89 -5.83
C2 R81 D . 13.32 5.58 -12.79
C5 R81 D . 10.88 6.29 -11.65
C6 R81 D . 9.53 6.74 -11.05
N3 R81 D . 10.17 1.67 -8.20
N1 R81 D . 9.92 10.75 -11.96
C19 R81 D . 9.91 2.24 -9.47
C15 R81 D . 5.43 15.13 -13.64
C13 R81 D . 8.67 14.26 -12.04
C11 R81 D . 9.44 13.02 -12.43
C16 R81 D . 10.46 3.91 -11.09
C18 R81 D . 11.81 3.80 -9.02
O R81 D . 12.09 9.31 -14.15
C8 R81 D . 10.79 10.71 -12.94
C9 R81 D . 11.03 11.81 -13.76
C10 R81 D . 10.34 12.99 -13.49
N2 R81 D . 7.69 14.50 -13.08
O1 R81 D . 4.44 14.17 -13.20
C12 R81 D . 9.26 11.88 -11.67
N R81 D . 11.19 8.54 -12.23
C4 R81 D . 11.67 7.23 -12.25
C3 R81 D . 12.89 6.88 -12.80
C1 R81 D . 12.52 4.61 -12.19
C R81 D . 11.29 4.99 -11.64
C17 R81 D . 10.69 3.30 -9.89
C31 R81 D . 9.45 3.44 -11.93
C30 R81 D . 8.63 2.39 -11.51
C29 R81 D . 8.86 1.79 -10.30
C20 R81 D . 9.97 0.40 -7.91
O2 R81 D . 9.57 -0.47 -8.66
C21 R81 D . 10.36 -0.02 -6.57
C22 R81 D . 10.13 -1.32 -6.13
C23 R81 D . 10.55 -1.64 -4.84
C24 R81 D . 11.20 -0.67 -4.08
C25 R81 D . 11.43 0.60 -4.59
C26 R81 D . 11.68 -0.96 -2.69
N5 R81 D . 13.03 -1.51 -2.78
C27 R81 D . 13.91 -1.26 -1.62
C28 R81 D . 15.19 -2.08 -1.79
O3 R81 D . 16.21 -1.30 -2.46
C14 R81 E . -27.28 -10.65 29.27
C7 R81 E . -20.10 -9.83 31.41
C2 R81 E . -15.74 -9.84 30.96
C5 R81 E . -17.63 -10.54 29.06
C6 R81 E . -18.67 -10.90 28.04
N1 R81 E . -21.93 -11.01 30.45
C15 R81 E . -28.19 -9.55 28.73
C13 R81 E . -25.61 -11.20 31.04
C11 R81 E . -24.16 -10.80 31.18
O R81 E . -19.69 -8.95 32.09
C8 R81 E . -21.51 -10.15 31.41
C9 R81 E . -22.39 -9.52 32.27
C10 R81 E . -23.73 -9.89 32.16
N2 R81 E . -26.41 -10.15 30.36
O1 R81 E . -27.69 -8.95 27.52
C12 R81 E . -23.23 -11.38 30.33
N R81 E . -19.36 -10.50 30.57
C4 R81 E . -18.02 -10.30 30.34
C3 R81 E . -17.09 -9.95 31.32
C1 R81 E . -15.35 -10.04 29.65
C R81 E . -16.31 -10.39 28.72
#